data_1RP8
#
_entry.id   1RP8
#
_cell.length_a   93.000
_cell.length_b   72.500
_cell.length_c   62.180
_cell.angle_alpha   90.00
_cell.angle_beta   90.00
_cell.angle_gamma   90.00
#
_symmetry.space_group_name_H-M   'P 21 21 2'
#
loop_
_entity.id
_entity.type
_entity.pdbx_description
1 polymer 'Alpha-amylase type 1 isozyme'
2 branched alpha-D-glucopyranose-(1-4)-alpha-D-glucopyranose-(1-4)-beta-D-glucopyranose-(1-4)-alpha-D-glucopyranose-(1-4)-alpha-D-glucopyranose-(1-4)-alpha-D-glucopyranose-(1-4)-alpha-D-glucopyranose
3 branched alpha-D-glucopyranose-(1-4)-alpha-D-glucopyranose-(1-4)-alpha-D-glucopyranose-(1-4)-alpha-D-glucopyranose-(1-4)-alpha-D-glucopyranose
4 non-polymer 'CALCIUM ION'
5 water water
#
_entity_poly.entity_id   1
_entity_poly.type   'polypeptide(L)'
_entity_poly.pdbx_seq_one_letter_code
;HQVLFQGFNWESWKQSGGWYNMMMGKVDDIAAAGVTHVWLPPPSHSVSNEGYMPGRLYDIDASKYGNAAELKSLIGALHG
KGVQAIADIVINHRCADYKDSRGIYCIFEGGTSDGRLDWGPHMICRDDTKYSDGTANLDTGADFAAAPDIDHLNDRVQRE
LKEWLLWLKSDLGFDAWRLAFARGYSPEMAKVYIDGTSPSLAVAEVWDNMATGGDGKPNYDQDAHRQNLVNWVDKVGGAA
SAGMVFDFTTKGILNAAVEGELWRLIDPQGKAPGVMGWWPAKAVTFVDNHDTGSTQAMWPFPSDKVMQGYAYILTHPGIP
CIFYDHFFNWGFKDQIAALVAIRKRNGITATSALKILMHEGDAYVAEIDGKVVVKIGSRYDVGAVIPAGFVTSAHGNDYA
VWEKN
;
_entity_poly.pdbx_strand_id   A
#
loop_
_chem_comp.id
_chem_comp.type
_chem_comp.name
_chem_comp.formula
BGC D-saccharide, beta linking beta-D-glucopyranose 'C6 H12 O6'
CA non-polymer 'CALCIUM ION' 'Ca 2'
GLC D-saccharide, alpha linking alpha-D-glucopyranose 'C6 H12 O6'
#
# COMPACT_ATOMS: atom_id res chain seq x y z
N HIS A 1 4.43 -11.92 13.19
CA HIS A 1 3.18 -11.11 13.16
C HIS A 1 3.45 -9.87 12.34
N GLN A 2 2.51 -9.53 11.46
CA GLN A 2 2.67 -8.34 10.62
C GLN A 2 1.33 -7.82 10.09
N VAL A 3 1.02 -6.59 10.50
CA VAL A 3 -0.20 -5.89 10.08
C VAL A 3 0.11 -4.42 9.74
N LEU A 4 -0.14 -4.02 8.50
CA LEU A 4 0.12 -2.64 8.09
C LEU A 4 -1.11 -1.77 8.36
N PHE A 5 -0.94 -0.44 8.31
CA PHE A 5 -2.03 0.50 8.56
C PHE A 5 -1.77 1.79 7.76
N GLN A 6 -2.68 2.13 6.84
CA GLN A 6 -2.54 3.37 6.10
C GLN A 6 -2.98 4.51 7.05
N GLY A 7 -2.00 5.30 7.51
CA GLY A 7 -2.29 6.40 8.41
C GLY A 7 -2.63 7.76 7.82
N PHE A 8 -3.42 7.79 6.76
CA PHE A 8 -3.87 9.04 6.10
C PHE A 8 -4.90 8.74 5.05
N ASN A 9 -5.68 9.75 4.68
CA ASN A 9 -6.67 9.61 3.65
C ASN A 9 -6.51 10.83 2.71
N TRP A 10 -7.35 10.94 1.68
CA TRP A 10 -7.20 12.03 0.72
C TRP A 10 -7.40 13.44 1.29
N GLU A 11 -8.08 13.54 2.42
CA GLU A 11 -8.37 14.84 3.04
C GLU A 11 -7.43 15.25 4.17
N SER A 12 -6.49 14.38 4.51
CA SER A 12 -5.56 14.60 5.60
C SER A 12 -4.80 15.91 5.64
N TRP A 13 -4.34 16.37 4.47
CA TRP A 13 -3.57 17.61 4.41
C TRP A 13 -4.30 18.82 5.01
N LYS A 14 -5.63 18.82 4.94
CA LYS A 14 -6.44 19.93 5.45
C LYS A 14 -6.56 19.97 6.99
N GLN A 15 -6.07 18.93 7.65
CA GLN A 15 -6.18 18.86 9.12
C GLN A 15 -5.70 20.10 9.89
N SER A 16 -6.61 20.67 10.69
CA SER A 16 -6.31 21.84 11.50
C SER A 16 -5.18 21.54 12.49
N GLY A 17 -4.12 22.33 12.43
CA GLY A 17 -3.01 22.10 13.35
C GLY A 17 -2.00 21.09 12.83
N GLY A 18 -2.25 20.52 11.65
CA GLY A 18 -1.32 19.57 11.06
C GLY A 18 -1.70 18.11 11.26
N TRP A 19 -1.55 17.30 10.21
CA TRP A 19 -1.90 15.89 10.30
C TRP A 19 -1.01 15.08 11.26
N TYR A 20 0.30 15.27 11.21
CA TYR A 20 1.22 14.54 12.10
C TYR A 20 0.92 14.84 13.56
N ASN A 21 0.69 16.12 13.87
CA ASN A 21 0.35 16.53 15.24
C ASN A 21 -0.92 15.83 15.72
N MET A 22 -1.92 15.72 14.85
N MET A 22 -1.92 15.72 14.86
CA MET A 22 -3.18 15.06 15.18
CA MET A 22 -3.16 15.05 15.24
C MET A 22 -2.96 13.56 15.40
C MET A 22 -2.90 13.55 15.44
N MET A 23 -2.09 12.97 14.57
CA MET A 23 -1.75 11.54 14.64
C MET A 23 -1.07 11.15 15.96
N MET A 24 -0.40 12.09 16.62
CA MET A 24 0.25 11.79 17.91
C MET A 24 -0.77 11.18 18.90
N GLY A 25 -2.02 11.62 18.83
CA GLY A 25 -3.05 11.13 19.72
C GLY A 25 -3.72 9.82 19.29
N LYS A 26 -3.24 9.25 18.19
CA LYS A 26 -3.76 7.99 17.67
C LYS A 26 -2.74 6.87 17.77
N VAL A 27 -1.50 7.24 18.07
CA VAL A 27 -0.41 6.27 18.17
C VAL A 27 -0.71 5.08 19.10
N ASP A 28 -1.15 5.38 20.33
CA ASP A 28 -1.44 4.31 21.29
C ASP A 28 -2.53 3.34 20.85
N ASP A 29 -3.63 3.86 20.31
CA ASP A 29 -4.73 3.01 19.84
C ASP A 29 -4.28 2.10 18.69
N ILE A 30 -3.51 2.68 17.77
CA ILE A 30 -2.99 1.96 16.63
C ILE A 30 -2.07 0.81 17.09
N ALA A 31 -1.14 1.10 18.00
CA ALA A 31 -0.22 0.09 18.49
C ALA A 31 -0.94 -1.00 19.31
N ALA A 32 -1.90 -0.62 20.14
CA ALA A 32 -2.64 -1.59 20.94
C ALA A 32 -3.53 -2.47 20.09
N ALA A 33 -3.88 -2.01 18.89
CA ALA A 33 -4.73 -2.82 18.00
C ALA A 33 -3.92 -3.88 17.28
N GLY A 34 -2.62 -3.94 17.52
CA GLY A 34 -1.78 -4.95 16.89
C GLY A 34 -1.09 -4.58 15.58
N VAL A 35 -1.11 -3.30 15.24
CA VAL A 35 -0.48 -2.82 14.02
C VAL A 35 1.03 -2.76 14.18
N THR A 36 1.78 -3.24 13.18
CA THR A 36 3.23 -3.23 13.25
C THR A 36 3.92 -2.19 12.35
N HIS A 37 3.23 -1.73 11.30
CA HIS A 37 3.80 -0.74 10.37
C HIS A 37 2.74 0.25 9.95
N VAL A 38 3.10 1.52 10.01
CA VAL A 38 2.20 2.60 9.58
C VAL A 38 2.77 3.31 8.34
N TRP A 39 1.94 3.38 7.30
CA TRP A 39 2.28 4.02 6.02
C TRP A 39 1.84 5.49 6.09
N LEU A 40 2.82 6.39 6.02
CA LEU A 40 2.62 7.84 6.08
C LEU A 40 2.71 8.44 4.67
N PRO A 41 2.11 9.63 4.42
CA PRO A 41 2.15 10.26 3.08
C PRO A 41 3.49 10.81 2.59
N PRO A 42 3.59 11.16 1.27
CA PRO A 42 4.85 11.70 0.73
C PRO A 42 5.17 12.91 1.63
N PRO A 43 6.37 12.96 2.22
CA PRO A 43 6.73 14.06 3.13
C PRO A 43 7.33 15.36 2.62
N SER A 44 7.72 15.42 1.35
CA SER A 44 8.38 16.61 0.80
C SER A 44 7.43 17.66 0.24
N HIS A 45 8.01 18.84 -0.04
CA HIS A 45 7.29 19.93 -0.69
C HIS A 45 6.71 19.27 -1.97
N SER A 46 5.52 19.71 -2.37
CA SER A 46 4.81 19.18 -3.53
C SER A 46 3.97 20.29 -4.16
N VAL A 47 3.86 20.32 -5.49
CA VAL A 47 3.04 21.33 -6.16
C VAL A 47 1.57 21.07 -5.84
N SER A 48 1.23 19.80 -5.63
CA SER A 48 -0.13 19.39 -5.26
C SER A 48 -0.20 19.26 -3.73
N ASN A 49 -1.35 19.58 -3.14
CA ASN A 49 -1.47 19.52 -1.68
C ASN A 49 -1.31 18.16 -0.99
N GLU A 50 -1.65 17.09 -1.71
CA GLU A 50 -1.59 15.73 -1.15
C GLU A 50 -0.19 15.13 -1.16
N GLY A 51 0.71 15.78 -1.90
CA GLY A 51 2.08 15.33 -1.96
C GLY A 51 2.54 14.50 -3.15
N TYR A 52 1.66 14.19 -4.09
CA TYR A 52 2.06 13.35 -5.22
C TYR A 52 2.71 14.04 -6.43
N MET A 53 3.10 15.30 -6.23
N MET A 53 3.10 15.30 -6.23
CA MET A 53 3.78 16.06 -7.28
CA MET A 53 3.77 16.11 -7.26
C MET A 53 4.99 16.72 -6.61
C MET A 53 4.99 16.73 -6.58
N PRO A 54 5.90 15.89 -6.06
CA PRO A 54 7.09 16.37 -5.37
C PRO A 54 8.03 17.31 -6.16
N GLY A 55 8.51 18.32 -5.44
CA GLY A 55 9.44 19.29 -6.01
C GLY A 55 10.77 19.29 -5.26
N ARG A 56 10.86 20.04 -4.16
CA ARG A 56 12.08 20.09 -3.35
C ARG A 56 11.99 18.92 -2.35
N LEU A 57 12.61 17.80 -2.72
CA LEU A 57 12.58 16.56 -1.94
C LEU A 57 13.12 16.65 -0.50
N TYR A 58 14.13 17.48 -0.27
CA TYR A 58 14.68 17.65 1.07
C TYR A 58 13.89 18.65 1.94
N ASP A 59 12.98 19.40 1.31
CA ASP A 59 12.16 20.39 2.01
C ASP A 59 10.91 19.78 2.69
N ILE A 60 11.15 19.11 3.81
CA ILE A 60 10.08 18.47 4.58
C ILE A 60 9.25 19.57 5.25
N ASP A 61 9.92 20.67 5.60
CA ASP A 61 9.27 21.79 6.26
C ASP A 61 8.15 22.44 5.46
N ALA A 62 8.22 22.35 4.13
CA ALA A 62 7.19 22.93 3.27
C ALA A 62 5.92 22.06 3.07
N SER A 63 5.94 20.82 3.55
CA SER A 63 4.76 19.94 3.41
C SER A 63 3.52 20.48 4.09
N LYS A 64 2.36 20.08 3.60
N LYS A 64 2.36 20.08 3.60
CA LYS A 64 1.07 20.48 4.18
CA LYS A 64 1.08 20.50 4.19
C LYS A 64 0.72 19.58 5.38
C LYS A 64 0.71 19.58 5.38
N TYR A 65 1.34 18.41 5.45
CA TYR A 65 1.08 17.46 6.54
C TYR A 65 1.77 17.87 7.84
N GLY A 66 2.86 18.60 7.70
CA GLY A 66 3.63 19.04 8.86
C GLY A 66 5.10 19.14 8.50
N ASN A 67 5.90 19.68 9.42
CA ASN A 67 7.32 19.84 9.19
C ASN A 67 8.21 18.69 9.69
N ALA A 68 9.51 18.82 9.48
CA ALA A 68 10.47 17.78 9.86
C ALA A 68 10.44 17.43 11.36
N ALA A 69 10.32 18.45 12.19
CA ALA A 69 10.28 18.27 13.64
C ALA A 69 9.03 17.47 14.04
N GLU A 70 7.89 17.89 13.51
CA GLU A 70 6.61 17.24 13.79
C GLU A 70 6.61 15.79 13.28
N LEU A 71 7.17 15.57 12.09
CA LEU A 71 7.26 14.23 11.51
C LEU A 71 8.17 13.33 12.35
N LYS A 72 9.34 13.85 12.68
CA LYS A 72 10.31 13.14 13.49
C LYS A 72 9.71 12.77 14.86
N SER A 73 8.87 13.64 15.39
N SER A 73 8.87 13.64 15.39
CA SER A 73 8.21 13.38 16.68
CA SER A 73 8.21 13.41 16.67
C SER A 73 7.23 12.22 16.54
C SER A 73 7.23 12.23 16.55
N LEU A 74 6.44 12.24 15.48
CA LEU A 74 5.45 11.18 15.25
C LEU A 74 6.12 9.82 15.02
N ILE A 75 7.22 9.81 14.28
CA ILE A 75 7.95 8.57 14.01
C ILE A 75 8.58 8.08 15.32
N GLY A 76 9.07 9.02 16.13
CA GLY A 76 9.66 8.67 17.41
C GLY A 76 8.63 8.01 18.33
N ALA A 77 7.41 8.54 18.32
CA ALA A 77 6.32 8.01 19.13
C ALA A 77 5.93 6.60 18.67
N LEU A 78 5.83 6.43 17.36
CA LEU A 78 5.51 5.14 16.76
C LEU A 78 6.55 4.11 17.19
N HIS A 79 7.83 4.45 17.04
CA HIS A 79 8.92 3.54 17.43
C HIS A 79 8.85 3.20 18.91
N GLY A 80 8.45 4.18 19.73
CA GLY A 80 8.35 3.96 21.17
C GLY A 80 7.38 2.87 21.55
N LYS A 81 6.42 2.61 20.67
CA LYS A 81 5.42 1.57 20.88
C LYS A 81 5.73 0.36 20.00
N GLY A 82 6.97 0.31 19.50
CA GLY A 82 7.42 -0.79 18.67
C GLY A 82 6.79 -0.86 17.29
N VAL A 83 6.31 0.28 16.79
CA VAL A 83 5.68 0.33 15.47
C VAL A 83 6.59 1.03 14.45
N GLN A 84 6.76 0.40 13.28
CA GLN A 84 7.59 0.96 12.22
C GLN A 84 6.86 1.99 11.36
N ALA A 85 7.63 2.81 10.66
CA ALA A 85 7.06 3.83 9.78
C ALA A 85 7.50 3.63 8.31
N ILE A 86 6.51 3.56 7.42
CA ILE A 86 6.73 3.39 5.99
C ILE A 86 6.52 4.74 5.31
N ALA A 87 7.46 5.18 4.48
CA ALA A 87 7.32 6.46 3.78
C ALA A 87 6.81 6.24 2.35
N ASP A 88 5.91 7.09 1.89
CA ASP A 88 5.36 7.03 0.52
C ASP A 88 6.43 7.70 -0.36
N ILE A 89 7.06 6.89 -1.21
CA ILE A 89 8.14 7.34 -2.11
C ILE A 89 7.62 7.58 -3.54
N VAL A 90 7.65 8.86 -3.97
CA VAL A 90 7.15 9.28 -5.28
C VAL A 90 8.34 9.75 -6.12
N ILE A 91 8.90 8.83 -6.92
CA ILE A 91 10.09 9.13 -7.74
C ILE A 91 9.96 8.93 -9.26
N ASN A 92 8.80 8.49 -9.72
CA ASN A 92 8.62 8.31 -11.17
C ASN A 92 8.78 9.68 -11.86
N HIS A 93 8.20 10.69 -11.25
CA HIS A 93 8.22 12.05 -11.77
C HIS A 93 8.57 13.03 -10.67
N ARG A 94 8.76 14.29 -11.05
CA ARG A 94 9.12 15.35 -10.09
C ARG A 94 8.93 16.71 -10.77
N CYS A 95 8.44 17.70 -10.03
CA CYS A 95 8.19 19.02 -10.59
C CYS A 95 9.38 19.95 -10.39
N ALA A 96 9.70 20.75 -11.41
CA ALA A 96 10.85 21.67 -11.34
C ALA A 96 10.37 23.05 -10.89
N ASP A 97 11.07 23.63 -9.93
CA ASP A 97 10.70 24.96 -9.40
C ASP A 97 10.83 26.11 -10.39
N TYR A 98 11.83 26.06 -11.26
CA TYR A 98 12.09 27.16 -12.20
C TYR A 98 12.01 26.81 -13.69
N LYS A 99 11.81 27.85 -14.50
CA LYS A 99 11.74 27.72 -15.96
C LYS A 99 13.09 27.98 -16.59
N ASP A 100 13.38 27.32 -17.71
CA ASP A 100 14.64 27.55 -18.41
C ASP A 100 14.40 28.63 -19.48
N SER A 101 15.34 28.81 -20.39
CA SER A 101 15.21 29.82 -21.46
C SER A 101 14.07 29.55 -22.44
N ARG A 102 13.61 28.30 -22.46
CA ARG A 102 12.51 27.89 -23.33
C ARG A 102 11.18 28.21 -22.67
N GLY A 103 11.23 28.68 -21.42
CA GLY A 103 10.00 28.95 -20.71
C GLY A 103 9.38 27.66 -20.18
N ILE A 104 10.16 26.59 -20.09
CA ILE A 104 9.68 25.29 -19.59
C ILE A 104 10.17 25.01 -18.16
N TYR A 105 9.30 24.54 -17.29
CA TYR A 105 9.68 24.23 -15.91
C TYR A 105 10.49 22.92 -15.91
N CYS A 106 11.81 23.05 -15.98
CA CYS A 106 12.70 21.89 -16.00
C CYS A 106 14.00 22.11 -15.23
N ILE A 107 14.09 23.19 -14.45
CA ILE A 107 15.26 23.47 -13.62
C ILE A 107 14.83 23.21 -12.15
N PHE A 108 15.31 22.10 -11.60
CA PHE A 108 14.96 21.62 -10.25
C PHE A 108 15.79 22.19 -9.07
N GLU A 109 15.23 22.06 -7.87
CA GLU A 109 15.86 22.50 -6.62
C GLU A 109 15.59 21.42 -5.56
N GLY A 110 16.65 20.86 -4.98
CA GLY A 110 16.48 19.81 -4.00
C GLY A 110 15.97 20.24 -2.64
N GLY A 111 16.22 21.49 -2.27
CA GLY A 111 15.80 21.97 -0.98
C GLY A 111 16.94 22.25 -0.03
N THR A 112 18.19 22.10 -0.49
CA THR A 112 19.36 22.40 0.35
C THR A 112 20.23 23.49 -0.30
N SER A 113 21.22 24.01 0.43
CA SER A 113 22.09 25.07 -0.09
C SER A 113 23.07 24.63 -1.18
N ASP A 114 23.43 23.34 -1.20
CA ASP A 114 24.32 22.83 -2.23
C ASP A 114 23.54 22.34 -3.45
N GLY A 115 24.23 21.64 -4.36
CA GLY A 115 23.58 21.17 -5.58
C GLY A 115 22.84 19.84 -5.61
N ARG A 116 22.70 19.18 -4.45
CA ARG A 116 21.99 17.90 -4.43
C ARG A 116 20.58 18.02 -4.98
N LEU A 117 20.29 17.22 -6.01
CA LEU A 117 18.98 17.18 -6.65
C LEU A 117 18.61 18.44 -7.47
N ASP A 118 19.58 19.35 -7.64
CA ASP A 118 19.36 20.57 -8.44
C ASP A 118 19.60 20.18 -9.90
N TRP A 119 18.71 19.35 -10.42
CA TRP A 119 18.77 18.83 -11.79
C TRP A 119 18.30 19.82 -12.86
N GLY A 120 18.47 19.40 -14.12
CA GLY A 120 18.04 20.19 -15.26
C GLY A 120 17.32 19.25 -16.23
N PRO A 121 16.91 19.73 -17.43
CA PRO A 121 16.21 18.85 -18.38
C PRO A 121 16.98 17.60 -18.82
N HIS A 122 18.28 17.54 -18.56
CA HIS A 122 19.07 16.38 -18.92
C HIS A 122 18.67 15.16 -18.09
N MET A 123 18.00 15.39 -16.96
CA MET A 123 17.54 14.32 -16.08
C MET A 123 16.08 13.93 -16.33
N ILE A 124 15.49 14.47 -17.39
CA ILE A 124 14.10 14.19 -17.75
C ILE A 124 14.10 13.23 -18.95
N CYS A 125 13.41 12.10 -18.81
CA CYS A 125 13.34 11.09 -19.87
C CYS A 125 13.15 11.80 -21.20
N ARG A 126 14.06 11.57 -22.15
CA ARG A 126 13.98 12.30 -23.44
C ARG A 126 12.65 12.18 -24.15
N ASP A 127 11.98 11.04 -23.99
CA ASP A 127 10.71 10.84 -24.64
C ASP A 127 9.54 11.58 -24.00
N ASP A 128 9.79 12.23 -22.85
CA ASP A 128 8.74 13.05 -22.24
C ASP A 128 9.04 14.42 -22.89
N THR A 129 8.62 14.58 -24.14
CA THR A 129 8.91 15.77 -24.94
C THR A 129 8.37 17.11 -24.47
N LYS A 130 7.28 17.11 -23.72
CA LYS A 130 6.72 18.36 -23.21
C LYS A 130 7.72 19.06 -22.27
N TYR A 131 8.64 18.30 -21.69
CA TYR A 131 9.61 18.85 -20.73
C TYR A 131 11.10 18.61 -20.99
N SER A 132 11.43 17.50 -21.65
CA SER A 132 12.84 17.17 -21.88
C SER A 132 13.53 18.07 -22.90
N ASP A 133 14.85 17.95 -22.97
CA ASP A 133 15.67 18.66 -23.94
C ASP A 133 16.25 17.63 -24.93
N GLY A 134 15.63 16.45 -24.97
CA GLY A 134 16.03 15.37 -25.85
C GLY A 134 17.38 14.69 -25.62
N THR A 135 18.09 15.06 -24.55
CA THR A 135 19.41 14.49 -24.31
C THR A 135 19.54 13.29 -23.35
N ALA A 136 18.48 13.00 -22.59
CA ALA A 136 18.50 11.90 -21.62
C ALA A 136 18.21 10.53 -22.22
N ASN A 137 18.17 9.50 -21.37
CA ASN A 137 17.84 8.14 -21.82
C ASN A 137 16.33 8.09 -21.97
N LEU A 138 15.82 6.99 -22.52
CA LEU A 138 14.38 6.82 -22.67
C LEU A 138 13.80 6.37 -21.32
N ASP A 139 12.51 6.65 -21.11
CA ASP A 139 11.81 6.26 -19.88
C ASP A 139 11.79 4.74 -19.77
N THR A 140 12.15 4.20 -18.60
CA THR A 140 12.17 2.76 -18.40
C THR A 140 10.79 2.16 -18.12
N GLY A 141 9.81 3.03 -17.93
CA GLY A 141 8.45 2.57 -17.67
C GLY A 141 7.43 3.55 -18.19
N ALA A 142 6.23 3.52 -17.60
CA ALA A 142 5.15 4.40 -18.02
C ALA A 142 5.41 5.88 -17.68
N ASP A 143 4.71 6.75 -18.39
CA ASP A 143 4.81 8.18 -18.19
C ASP A 143 3.62 8.71 -17.38
N PHE A 144 3.86 9.74 -16.59
CA PHE A 144 2.82 10.40 -15.79
C PHE A 144 2.65 11.72 -16.57
N ALA A 145 1.49 11.91 -17.19
CA ALA A 145 1.23 13.11 -18.01
C ALA A 145 1.35 14.48 -17.36
N ALA A 146 1.02 14.59 -16.08
CA ALA A 146 1.04 15.87 -15.37
C ALA A 146 2.38 16.42 -14.89
N ALA A 147 3.48 15.72 -15.15
CA ALA A 147 4.79 16.20 -14.71
C ALA A 147 5.97 15.51 -15.40
N PRO A 148 7.18 16.09 -15.28
CA PRO A 148 8.39 15.53 -15.89
C PRO A 148 8.72 14.14 -15.33
N ASP A 149 8.85 13.15 -16.21
CA ASP A 149 9.26 11.81 -15.77
C ASP A 149 10.78 11.82 -15.67
N ILE A 150 11.27 11.29 -14.54
CA ILE A 150 12.69 11.22 -14.24
C ILE A 150 13.45 10.08 -14.91
N ASP A 151 14.68 10.38 -15.33
CA ASP A 151 15.52 9.39 -15.99
C ASP A 151 16.35 8.57 -14.97
N HIS A 152 15.78 7.45 -14.52
CA HIS A 152 16.46 6.61 -13.54
C HIS A 152 17.70 5.88 -14.05
N LEU A 153 17.94 5.98 -15.36
CA LEU A 153 19.12 5.38 -15.97
C LEU A 153 20.32 6.32 -15.78
N ASN A 154 20.05 7.57 -15.39
CA ASN A 154 21.11 8.55 -15.19
C ASN A 154 21.85 8.27 -13.86
N ASP A 155 23.19 8.19 -13.95
CA ASP A 155 24.06 7.93 -12.79
C ASP A 155 23.87 8.88 -11.64
N ARG A 156 23.82 10.17 -11.96
CA ARG A 156 23.64 11.19 -10.94
C ARG A 156 22.27 11.05 -10.25
N VAL A 157 21.21 10.80 -11.02
CA VAL A 157 19.86 10.62 -10.46
C VAL A 157 19.84 9.44 -9.46
N GLN A 158 20.43 8.31 -9.86
CA GLN A 158 20.48 7.12 -9.00
C GLN A 158 21.25 7.40 -7.71
N ARG A 159 22.39 8.07 -7.84
CA ARG A 159 23.22 8.38 -6.68
C ARG A 159 22.54 9.35 -5.72
N GLU A 160 21.93 10.39 -6.26
CA GLU A 160 21.29 11.38 -5.41
C GLU A 160 19.97 10.91 -4.77
N LEU A 161 19.19 10.11 -5.48
CA LEU A 161 17.94 9.60 -4.93
C LEU A 161 18.21 8.60 -3.79
N LYS A 162 19.25 7.78 -3.95
CA LYS A 162 19.63 6.81 -2.91
C LYS A 162 20.08 7.55 -1.66
N GLU A 163 20.87 8.60 -1.88
CA GLU A 163 21.37 9.43 -0.79
C GLU A 163 20.18 10.07 -0.08
N TRP A 164 19.20 10.55 -0.84
CA TRP A 164 18.00 11.15 -0.27
C TRP A 164 17.22 10.14 0.57
N LEU A 165 17.04 8.94 0.02
CA LEU A 165 16.33 7.85 0.71
C LEU A 165 17.01 7.48 2.04
N LEU A 166 18.34 7.35 2.01
CA LEU A 166 19.10 7.01 3.21
C LEU A 166 18.93 8.12 4.24
N TRP A 167 18.77 9.35 3.76
CA TRP A 167 18.57 10.48 4.65
C TRP A 167 17.18 10.39 5.34
N LEU A 168 16.14 10.00 4.60
CA LEU A 168 14.82 9.87 5.20
C LEU A 168 14.87 8.87 6.39
N LYS A 169 15.75 7.89 6.30
CA LYS A 169 15.94 6.89 7.35
C LYS A 169 16.75 7.47 8.52
N SER A 170 17.94 8.00 8.23
CA SER A 170 18.80 8.53 9.29
C SER A 170 18.37 9.83 9.97
N ASP A 171 17.77 10.72 9.21
CA ASP A 171 17.36 12.00 9.77
C ASP A 171 15.93 11.99 10.30
N LEU A 172 15.04 11.33 9.60
CA LEU A 172 13.64 11.27 10.00
C LEU A 172 13.23 10.02 10.77
N GLY A 173 13.94 8.92 10.57
CA GLY A 173 13.63 7.69 11.26
C GLY A 173 12.82 6.68 10.47
N PHE A 174 12.55 6.97 9.19
CA PHE A 174 11.78 6.01 8.37
C PHE A 174 12.44 4.61 8.27
N ASP A 175 11.60 3.56 8.30
CA ASP A 175 12.08 2.18 8.24
C ASP A 175 11.89 1.47 6.90
N ALA A 176 10.82 1.82 6.19
CA ALA A 176 10.46 1.16 4.93
C ALA A 176 9.85 2.10 3.87
N TRP A 177 9.61 1.56 2.67
CA TRP A 177 9.04 2.34 1.57
C TRP A 177 7.76 1.77 0.95
N ARG A 178 6.96 2.69 0.40
CA ARG A 178 5.76 2.36 -0.37
C ARG A 178 6.16 3.03 -1.71
N LEU A 179 6.38 2.22 -2.74
CA LEU A 179 6.77 2.76 -4.06
C LEU A 179 5.56 3.16 -4.89
N ALA A 180 5.34 4.48 -4.98
CA ALA A 180 4.19 5.04 -5.71
C ALA A 180 4.35 4.93 -7.23
N PHE A 181 3.28 4.54 -7.90
CA PHE A 181 3.26 4.40 -9.37
C PHE A 181 4.52 3.66 -9.84
N ALA A 182 4.73 2.45 -9.29
CA ALA A 182 5.91 1.67 -9.64
C ALA A 182 5.97 1.23 -11.11
N ARG A 183 4.84 1.24 -11.81
CA ARG A 183 4.88 0.85 -13.22
C ARG A 183 5.50 1.98 -14.06
N GLY A 184 5.83 3.10 -13.42
CA GLY A 184 6.44 4.24 -14.09
C GLY A 184 7.90 4.05 -14.44
N TYR A 185 8.54 3.11 -13.76
CA TYR A 185 9.93 2.77 -14.04
C TYR A 185 10.03 1.25 -13.97
N SER A 186 11.10 0.70 -14.53
CA SER A 186 11.27 -0.76 -14.57
C SER A 186 11.59 -1.39 -13.22
N PRO A 187 11.32 -2.70 -13.08
CA PRO A 187 11.64 -3.34 -11.81
C PRO A 187 13.15 -3.33 -11.62
N GLU A 188 13.90 -3.37 -12.72
CA GLU A 188 15.35 -3.31 -12.65
C GLU A 188 15.80 -2.02 -11.93
N MET A 189 15.11 -0.91 -12.20
CA MET A 189 15.40 0.38 -11.58
C MET A 189 14.94 0.37 -10.12
N ALA A 190 13.75 -0.18 -9.86
CA ALA A 190 13.24 -0.26 -8.50
C ALA A 190 14.27 -1.03 -7.65
N LYS A 191 14.85 -2.07 -8.26
CA LYS A 191 15.86 -2.92 -7.59
C LYS A 191 17.06 -2.10 -7.10
N VAL A 192 17.53 -1.16 -7.93
CA VAL A 192 18.64 -0.29 -7.56
C VAL A 192 18.31 0.45 -6.26
N TYR A 193 17.15 1.09 -6.21
CA TYR A 193 16.76 1.82 -5.00
C TYR A 193 16.47 0.92 -3.80
N ILE A 194 15.84 -0.23 -4.02
CA ILE A 194 15.55 -1.13 -2.91
C ILE A 194 16.83 -1.71 -2.30
N ASP A 195 17.67 -2.33 -3.13
CA ASP A 195 18.91 -2.94 -2.66
C ASP A 195 19.89 -1.91 -2.12
N GLY A 196 19.83 -0.69 -2.66
CA GLY A 196 20.73 0.35 -2.22
C GLY A 196 20.36 0.99 -0.90
N THR A 197 19.13 0.80 -0.42
CA THR A 197 18.72 1.45 0.83
C THR A 197 18.31 0.56 2.01
N SER A 198 18.31 -0.75 1.79
CA SER A 198 17.94 -1.71 2.84
C SER A 198 16.67 -1.42 3.63
N PRO A 199 15.51 -1.20 2.97
CA PRO A 199 14.31 -0.95 3.76
C PRO A 199 13.84 -2.27 4.39
N SER A 200 13.06 -2.21 5.46
CA SER A 200 12.54 -3.43 6.09
C SER A 200 11.58 -4.10 5.10
N LEU A 201 10.93 -3.27 4.28
CA LEU A 201 10.03 -3.71 3.24
C LEU A 201 9.87 -2.56 2.26
N ALA A 202 9.57 -2.89 1.00
CA ALA A 202 9.33 -1.89 -0.04
C ALA A 202 8.12 -2.41 -0.82
N VAL A 203 6.93 -1.96 -0.42
CA VAL A 203 5.71 -2.39 -1.08
C VAL A 203 5.37 -1.51 -2.27
N ALA A 204 5.46 -2.12 -3.45
CA ALA A 204 5.19 -1.41 -4.69
C ALA A 204 3.73 -1.35 -5.12
N GLU A 205 3.31 -0.18 -5.60
CA GLU A 205 1.94 0.00 -6.11
C GLU A 205 1.98 -0.21 -7.62
N VAL A 206 1.65 -1.42 -8.06
CA VAL A 206 1.62 -1.73 -9.47
C VAL A 206 0.15 -1.95 -9.73
N TRP A 207 -0.49 -0.93 -10.28
CA TRP A 207 -1.92 -1.00 -10.50
C TRP A 207 -2.24 -1.16 -11.96
N ASP A 208 -2.63 -2.37 -12.33
CA ASP A 208 -2.99 -2.66 -13.72
C ASP A 208 -4.47 -2.96 -13.84
N ASN A 209 -5.00 -2.79 -15.05
CA ASN A 209 -6.42 -3.01 -15.28
C ASN A 209 -6.79 -4.48 -15.14
N MET A 210 -7.95 -4.72 -14.57
CA MET A 210 -8.43 -6.08 -14.37
C MET A 210 -9.38 -6.49 -15.50
N ALA A 211 -9.02 -7.56 -16.22
CA ALA A 211 -9.81 -8.06 -17.35
C ALA A 211 -11.24 -8.41 -16.96
N THR A 212 -12.21 -7.85 -17.70
CA THR A 212 -13.62 -8.08 -17.42
C THR A 212 -14.36 -8.75 -18.56
N GLY A 213 -15.60 -9.14 -18.31
CA GLY A 213 -16.42 -9.78 -19.33
C GLY A 213 -17.42 -8.85 -19.96
N GLY A 214 -18.27 -9.41 -20.82
CA GLY A 214 -19.29 -8.63 -21.50
C GLY A 214 -20.21 -7.91 -20.53
N ASP A 215 -20.47 -8.51 -19.37
CA ASP A 215 -21.35 -7.90 -18.36
C ASP A 215 -20.66 -6.86 -17.47
N GLY A 216 -19.39 -6.59 -17.74
CA GLY A 216 -18.65 -5.60 -16.94
C GLY A 216 -18.07 -6.11 -15.62
N LYS A 217 -18.35 -7.35 -15.23
CA LYS A 217 -17.82 -7.90 -13.98
C LYS A 217 -16.43 -8.50 -14.27
N PRO A 218 -15.53 -8.50 -13.28
CA PRO A 218 -14.20 -9.07 -13.56
C PRO A 218 -14.38 -10.55 -13.88
N ASN A 219 -13.51 -11.10 -14.74
CA ASN A 219 -13.58 -12.51 -15.10
C ASN A 219 -13.15 -13.30 -13.85
N TYR A 220 -13.65 -14.53 -13.73
CA TYR A 220 -13.30 -15.42 -12.61
C TYR A 220 -11.79 -15.69 -12.60
N ASP A 221 -11.24 -15.99 -13.77
CA ASP A 221 -9.83 -16.26 -13.91
C ASP A 221 -9.04 -14.95 -13.96
N GLN A 222 -8.31 -14.65 -12.88
CA GLN A 222 -7.48 -13.44 -12.83
C GLN A 222 -5.99 -13.78 -12.81
N ASP A 223 -5.64 -14.97 -13.31
CA ASP A 223 -4.24 -15.39 -13.33
C ASP A 223 -3.29 -14.44 -14.05
N ALA A 224 -3.74 -13.81 -15.15
CA ALA A 224 -2.88 -12.88 -15.92
C ALA A 224 -2.57 -11.64 -15.10
N HIS A 225 -3.57 -11.19 -14.33
CA HIS A 225 -3.44 -10.01 -13.47
C HIS A 225 -2.42 -10.26 -12.35
N ARG A 226 -2.58 -11.35 -11.60
CA ARG A 226 -1.63 -11.68 -10.54
C ARG A 226 -0.24 -12.09 -11.07
N GLN A 227 -0.18 -12.61 -12.30
CA GLN A 227 1.10 -12.99 -12.90
C GLN A 227 1.93 -11.72 -13.15
N ASN A 228 1.28 -10.65 -13.57
CA ASN A 228 1.94 -9.37 -13.83
C ASN A 228 2.61 -8.87 -12.53
N LEU A 229 1.91 -9.04 -11.40
CA LEU A 229 2.43 -8.61 -10.10
C LEU A 229 3.56 -9.52 -9.60
N VAL A 230 3.40 -10.83 -9.80
CA VAL A 230 4.41 -11.77 -9.39
C VAL A 230 5.68 -11.58 -10.25
N ASN A 231 5.48 -11.26 -11.54
CA ASN A 231 6.60 -11.00 -12.45
C ASN A 231 7.44 -9.81 -11.93
N TRP A 232 6.79 -8.78 -11.40
CA TRP A 232 7.50 -7.61 -10.87
C TRP A 232 8.41 -8.03 -9.70
N VAL A 233 7.85 -8.80 -8.78
CA VAL A 233 8.60 -9.31 -7.63
C VAL A 233 9.80 -10.16 -8.06
N ASP A 234 9.60 -11.05 -9.02
CA ASP A 234 10.70 -11.89 -9.51
C ASP A 234 11.86 -11.02 -10.05
N LYS A 235 11.50 -10.02 -10.86
CA LYS A 235 12.49 -9.11 -11.45
C LYS A 235 13.26 -8.25 -10.44
N VAL A 236 12.63 -7.86 -9.32
CA VAL A 236 13.35 -7.05 -8.33
C VAL A 236 14.28 -7.87 -7.45
N GLY A 237 14.17 -9.19 -7.53
CA GLY A 237 15.05 -10.02 -6.71
C GLY A 237 14.35 -11.15 -6.00
N GLY A 238 13.03 -11.19 -6.12
CA GLY A 238 12.24 -12.25 -5.51
C GLY A 238 12.41 -12.39 -4.02
N ALA A 239 12.65 -13.61 -3.56
CA ALA A 239 12.82 -13.90 -2.15
C ALA A 239 14.05 -13.23 -1.52
N ALA A 240 15.00 -12.85 -2.36
CA ALA A 240 16.21 -12.20 -1.85
C ALA A 240 16.08 -10.68 -1.85
N SER A 241 14.88 -10.18 -2.07
CA SER A 241 14.66 -8.73 -2.09
C SER A 241 13.65 -8.31 -1.02
N ALA A 242 13.74 -7.05 -0.58
CA ALA A 242 12.81 -6.53 0.41
C ALA A 242 11.49 -6.11 -0.28
N GLY A 243 11.50 -6.14 -1.62
CA GLY A 243 10.32 -5.77 -2.39
C GLY A 243 9.14 -6.72 -2.31
N MET A 244 7.94 -6.14 -2.44
CA MET A 244 6.65 -6.84 -2.40
C MET A 244 5.60 -5.96 -3.11
N VAL A 245 4.38 -6.46 -3.28
CA VAL A 245 3.36 -5.68 -3.99
C VAL A 245 2.00 -5.63 -3.32
N PHE A 246 1.25 -4.57 -3.59
CA PHE A 246 -0.11 -4.45 -3.06
C PHE A 246 -0.90 -5.47 -3.90
N ASP A 247 -1.74 -6.27 -3.23
CA ASP A 247 -2.54 -7.29 -3.89
C ASP A 247 -3.82 -6.75 -4.53
N PHE A 248 -3.68 -6.04 -5.66
CA PHE A 248 -4.84 -5.49 -6.36
C PHE A 248 -5.71 -6.58 -6.96
N THR A 249 -5.17 -7.79 -7.15
CA THR A 249 -5.98 -8.88 -7.73
C THR A 249 -7.05 -9.28 -6.71
N THR A 250 -6.63 -9.43 -5.46
CA THR A 250 -7.55 -9.76 -4.37
C THR A 250 -8.54 -8.63 -4.16
N LYS A 251 -8.07 -7.38 -4.33
CA LYS A 251 -8.93 -6.21 -4.16
C LYS A 251 -10.06 -6.22 -5.20
N GLY A 252 -9.69 -6.41 -6.47
CA GLY A 252 -10.69 -6.43 -7.53
C GLY A 252 -11.67 -7.59 -7.43
N ILE A 253 -11.14 -8.77 -7.09
CA ILE A 253 -11.99 -9.96 -6.97
C ILE A 253 -12.97 -9.86 -5.78
N LEU A 254 -12.45 -9.45 -4.62
CA LEU A 254 -13.24 -9.33 -3.39
C LEU A 254 -14.34 -8.27 -3.52
N ASN A 255 -14.06 -7.22 -4.31
CA ASN A 255 -15.04 -6.17 -4.57
C ASN A 255 -16.28 -6.83 -5.18
N ALA A 256 -16.07 -7.72 -6.13
CA ALA A 256 -17.14 -8.42 -6.79
C ALA A 256 -17.67 -9.60 -5.96
N ALA A 257 -16.75 -10.33 -5.33
CA ALA A 257 -17.12 -11.50 -4.54
C ALA A 257 -18.19 -11.32 -3.46
N VAL A 258 -18.07 -10.25 -2.67
CA VAL A 258 -19.03 -10.01 -1.59
C VAL A 258 -20.46 -9.74 -2.06
N GLU A 259 -20.66 -9.48 -3.35
CA GLU A 259 -22.02 -9.26 -3.86
C GLU A 259 -22.70 -10.60 -4.21
N GLY A 260 -22.70 -11.51 -3.23
CA GLY A 260 -23.33 -12.81 -3.45
C GLY A 260 -22.66 -13.69 -4.49
N GLU A 261 -21.36 -13.48 -4.70
CA GLU A 261 -20.60 -14.28 -5.65
C GLU A 261 -19.31 -14.78 -4.98
N LEU A 262 -19.45 -15.35 -3.79
CA LEU A 262 -18.29 -15.86 -3.04
C LEU A 262 -17.61 -17.08 -3.66
N TRP A 263 -18.19 -17.60 -4.75
CA TRP A 263 -17.58 -18.73 -5.47
C TRP A 263 -16.30 -18.21 -6.14
N ARG A 264 -16.17 -16.89 -6.25
CA ARG A 264 -14.97 -16.28 -6.83
C ARG A 264 -13.73 -16.41 -5.92
N LEU A 265 -13.92 -16.76 -4.65
CA LEU A 265 -12.78 -16.82 -3.74
C LEU A 265 -11.89 -18.05 -3.68
N ILE A 266 -11.85 -18.81 -4.78
CA ILE A 266 -10.98 -19.98 -4.84
C ILE A 266 -10.67 -20.25 -6.31
N ASP A 267 -9.42 -20.59 -6.61
CA ASP A 267 -9.03 -20.90 -7.98
C ASP A 267 -9.21 -22.41 -8.22
N PRO A 268 -9.04 -22.86 -9.46
CA PRO A 268 -9.20 -24.30 -9.77
C PRO A 268 -8.22 -25.22 -9.04
N GLN A 269 -7.15 -24.67 -8.46
CA GLN A 269 -6.16 -25.47 -7.72
C GLN A 269 -6.44 -25.48 -6.22
N GLY A 270 -7.54 -24.84 -5.81
CA GLY A 270 -7.88 -24.78 -4.40
C GLY A 270 -7.16 -23.70 -3.59
N LYS A 271 -6.59 -22.70 -4.27
CA LYS A 271 -5.86 -21.63 -3.60
C LYS A 271 -6.63 -20.31 -3.68
N ALA A 272 -6.20 -19.31 -2.90
CA ALA A 272 -6.83 -17.98 -2.96
C ALA A 272 -6.53 -17.49 -4.39
N PRO A 273 -7.48 -16.82 -5.05
CA PRO A 273 -7.30 -16.34 -6.43
C PRO A 273 -6.44 -15.11 -6.71
N GLY A 274 -6.05 -14.37 -5.67
CA GLY A 274 -5.20 -13.20 -5.86
C GLY A 274 -3.72 -13.52 -5.67
N VAL A 275 -2.87 -12.50 -5.51
CA VAL A 275 -1.43 -12.76 -5.30
C VAL A 275 -1.26 -13.57 -4.01
N MET A 276 -2.19 -13.41 -3.08
CA MET A 276 -2.22 -14.15 -1.80
C MET A 276 -2.06 -15.68 -2.01
N GLY A 277 -2.68 -16.20 -3.07
CA GLY A 277 -2.61 -17.64 -3.32
C GLY A 277 -1.34 -18.16 -3.98
N TRP A 278 -0.56 -17.27 -4.58
CA TRP A 278 0.67 -17.68 -5.24
C TRP A 278 1.94 -17.36 -4.46
N TRP A 279 2.05 -16.15 -3.92
CA TRP A 279 3.23 -15.73 -3.17
C TRP A 279 2.75 -14.87 -1.99
N PRO A 280 2.14 -15.50 -0.97
CA PRO A 280 1.62 -14.80 0.21
C PRO A 280 2.56 -13.90 0.98
N ALA A 281 3.83 -14.30 1.09
CA ALA A 281 4.84 -13.49 1.77
C ALA A 281 5.10 -12.14 1.08
N LYS A 282 4.67 -12.01 -0.18
CA LYS A 282 4.90 -10.79 -0.96
C LYS A 282 3.60 -10.08 -1.35
N ALA A 283 2.50 -10.44 -0.70
CA ALA A 283 1.19 -9.87 -1.00
C ALA A 283 0.63 -9.01 0.12
N VAL A 284 0.51 -7.71 -0.13
CA VAL A 284 -0.06 -6.81 0.86
C VAL A 284 -1.52 -6.60 0.46
N THR A 285 -2.42 -7.20 1.23
CA THR A 285 -3.86 -7.15 1.00
C THR A 285 -4.50 -5.91 1.65
N PHE A 286 -5.64 -5.50 1.15
CA PHE A 286 -6.33 -4.30 1.64
C PHE A 286 -7.75 -4.28 1.13
N VAL A 287 -8.62 -3.55 1.84
CA VAL A 287 -10.02 -3.38 1.51
C VAL A 287 -10.23 -2.12 0.64
N ASP A 288 -9.50 -1.06 0.96
CA ASP A 288 -9.54 0.21 0.22
C ASP A 288 -8.37 1.06 0.65
N ASN A 289 -8.01 2.06 -0.17
CA ASN A 289 -6.94 3.01 0.18
C ASN A 289 -7.45 4.43 -0.17
N HIS A 290 -6.55 5.41 -0.17
CA HIS A 290 -6.93 6.79 -0.48
C HIS A 290 -7.40 7.03 -1.93
N ASP A 291 -7.06 6.11 -2.84
CA ASP A 291 -7.49 6.20 -4.24
C ASP A 291 -8.80 5.45 -4.49
N THR A 292 -8.83 4.19 -4.10
CA THR A 292 -10.02 3.36 -4.32
C THR A 292 -11.22 3.82 -3.50
N GLY A 293 -10.95 4.33 -2.30
CA GLY A 293 -12.00 4.80 -1.40
C GLY A 293 -11.83 6.26 -1.01
N SER A 294 -12.05 6.60 0.25
CA SER A 294 -11.94 7.99 0.73
C SER A 294 -12.77 8.91 -0.19
N THR A 295 -12.29 10.13 -0.42
CA THR A 295 -13.03 11.06 -1.26
C THR A 295 -12.78 10.95 -2.77
N GLN A 296 -11.83 10.10 -3.17
CA GLN A 296 -11.57 9.88 -4.60
C GLN A 296 -12.50 8.78 -5.11
N ALA A 297 -12.73 7.77 -4.27
CA ALA A 297 -13.63 6.66 -4.60
C ALA A 297 -13.51 6.09 -6.03
N MET A 298 -12.30 5.73 -6.45
CA MET A 298 -12.08 5.17 -7.79
C MET A 298 -12.54 3.71 -7.93
N TRP A 299 -12.62 2.98 -6.82
CA TRP A 299 -12.98 1.55 -6.85
C TRP A 299 -13.31 1.12 -5.42
N PRO A 300 -14.32 1.75 -4.81
CA PRO A 300 -14.74 1.47 -3.43
C PRO A 300 -15.31 0.09 -3.13
N PHE A 301 -14.97 -0.41 -1.93
CA PHE A 301 -15.47 -1.70 -1.50
C PHE A 301 -16.95 -1.47 -1.19
N PRO A 302 -17.84 -2.42 -1.55
CA PRO A 302 -19.26 -2.23 -1.25
C PRO A 302 -19.40 -1.78 0.21
N SER A 303 -19.91 -0.56 0.40
CA SER A 303 -20.02 0.05 1.73
C SER A 303 -20.68 -0.75 2.85
N ASP A 304 -21.73 -1.49 2.50
CA ASP A 304 -22.47 -2.30 3.47
C ASP A 304 -21.79 -3.64 3.82
N LYS A 305 -20.67 -3.92 3.16
CA LYS A 305 -19.97 -5.18 3.39
C LYS A 305 -18.52 -5.06 3.81
N VAL A 306 -18.10 -3.84 4.17
CA VAL A 306 -16.71 -3.61 4.56
C VAL A 306 -16.15 -4.55 5.64
N MET A 307 -16.96 -4.91 6.63
CA MET A 307 -16.46 -5.81 7.68
C MET A 307 -16.19 -7.23 7.16
N GLN A 308 -16.84 -7.64 6.08
CA GLN A 308 -16.57 -8.96 5.50
C GLN A 308 -15.18 -8.88 4.86
N GLY A 309 -14.84 -7.70 4.32
CA GLY A 309 -13.53 -7.53 3.73
C GLY A 309 -12.45 -7.71 4.79
N TYR A 310 -12.69 -7.18 5.99
CA TYR A 310 -11.72 -7.29 7.07
C TYR A 310 -11.69 -8.70 7.68
N ALA A 311 -12.86 -9.34 7.80
CA ALA A 311 -12.91 -10.70 8.33
C ALA A 311 -12.04 -11.56 7.40
N TYR A 312 -12.11 -11.25 6.11
CA TYR A 312 -11.29 -11.97 5.13
C TYR A 312 -9.79 -11.67 5.25
N ILE A 313 -9.36 -10.44 4.94
CA ILE A 313 -7.92 -10.17 4.99
C ILE A 313 -7.20 -10.31 6.34
N LEU A 314 -7.90 -10.05 7.44
CA LEU A 314 -7.25 -10.16 8.74
C LEU A 314 -7.00 -11.59 9.25
N THR A 315 -7.74 -12.56 8.74
CA THR A 315 -7.56 -13.96 9.18
C THR A 315 -6.72 -14.78 8.18
N HIS A 316 -6.58 -14.27 6.97
CA HIS A 316 -5.88 -14.96 5.88
C HIS A 316 -4.41 -14.71 5.66
N PRO A 317 -3.75 -15.57 4.85
CA PRO A 317 -2.32 -15.38 4.58
C PRO A 317 -2.16 -14.09 3.77
N GLY A 318 -0.92 -13.67 3.58
CA GLY A 318 -0.67 -12.39 2.93
C GLY A 318 -0.51 -11.40 4.08
N ILE A 319 -0.13 -10.14 3.78
CA ILE A 319 0.08 -9.11 4.80
C ILE A 319 -1.07 -8.08 4.70
N PRO A 320 -1.99 -8.10 5.68
CA PRO A 320 -3.14 -7.17 5.67
C PRO A 320 -2.80 -5.73 6.05
N CYS A 321 -3.45 -4.80 5.35
CA CYS A 321 -3.27 -3.36 5.58
C CYS A 321 -4.63 -2.71 5.84
N ILE A 322 -4.79 -2.23 7.08
CA ILE A 322 -6.01 -1.55 7.54
C ILE A 322 -6.02 -0.10 7.09
N PHE A 323 -7.16 0.36 6.59
CA PHE A 323 -7.32 1.73 6.10
C PHE A 323 -7.85 2.67 7.22
N TYR A 324 -7.17 3.79 7.41
CA TYR A 324 -7.52 4.79 8.43
C TYR A 324 -9.00 5.00 8.78
N ASP A 325 -9.78 5.41 7.79
CA ASP A 325 -11.20 5.69 7.96
C ASP A 325 -11.99 4.53 8.54
N HIS A 326 -11.70 3.33 8.06
CA HIS A 326 -12.38 2.14 8.51
C HIS A 326 -12.15 1.87 10.00
N PHE A 327 -10.95 2.19 10.46
CA PHE A 327 -10.62 1.97 11.85
C PHE A 327 -11.21 3.03 12.79
N PHE A 328 -11.12 4.29 12.39
CA PHE A 328 -11.60 5.40 13.22
C PHE A 328 -12.96 6.03 12.98
N ASN A 329 -13.38 6.13 11.73
CA ASN A 329 -14.63 6.80 11.41
C ASN A 329 -15.87 5.99 11.06
N TRP A 330 -15.72 4.68 10.85
CA TRP A 330 -16.85 3.86 10.46
C TRP A 330 -17.58 3.09 11.56
N GLY A 331 -17.09 3.20 12.80
CA GLY A 331 -17.71 2.48 13.91
C GLY A 331 -17.30 1.01 13.94
N PHE A 332 -16.12 0.72 13.38
CA PHE A 332 -15.60 -0.65 13.29
C PHE A 332 -14.38 -0.90 14.15
N LYS A 333 -13.88 0.15 14.82
CA LYS A 333 -12.66 0.04 15.63
C LYS A 333 -12.54 -1.20 16.52
N ASP A 334 -13.57 -1.45 17.33
CA ASP A 334 -13.54 -2.62 18.21
C ASP A 334 -13.53 -3.94 17.44
N GLN A 335 -14.30 -4.01 16.36
CA GLN A 335 -14.39 -5.23 15.55
C GLN A 335 -13.07 -5.56 14.85
N ILE A 336 -12.42 -4.52 14.32
CA ILE A 336 -11.15 -4.69 13.63
C ILE A 336 -10.06 -5.10 14.62
N ALA A 337 -9.98 -4.41 15.77
CA ALA A 337 -8.98 -4.77 16.77
C ALA A 337 -9.16 -6.24 17.24
N ALA A 338 -10.41 -6.67 17.40
CA ALA A 338 -10.71 -8.04 17.83
C ALA A 338 -10.18 -9.07 16.80
N LEU A 339 -10.33 -8.75 15.52
CA LEU A 339 -9.84 -9.63 14.47
C LEU A 339 -8.31 -9.70 14.46
N VAL A 340 -7.64 -8.57 14.68
CA VAL A 340 -6.17 -8.58 14.71
C VAL A 340 -5.69 -9.41 15.90
N ALA A 341 -6.39 -9.31 17.04
CA ALA A 341 -6.01 -10.07 18.22
C ALA A 341 -6.06 -11.57 17.90
N ILE A 342 -7.12 -11.98 17.21
CA ILE A 342 -7.28 -13.38 16.82
C ILE A 342 -6.11 -13.81 15.94
N ARG A 343 -5.73 -12.96 14.99
CA ARG A 343 -4.62 -13.27 14.10
C ARG A 343 -3.33 -13.44 14.91
N LYS A 344 -3.06 -12.48 15.79
CA LYS A 344 -1.87 -12.47 16.62
C LYS A 344 -1.74 -13.64 17.62
N ARG A 345 -2.75 -13.79 18.48
CA ARG A 345 -2.72 -14.85 19.49
C ARG A 345 -2.67 -16.26 18.88
N ASN A 346 -3.14 -16.40 17.64
CA ASN A 346 -3.10 -17.69 16.98
C ASN A 346 -1.83 -17.89 16.13
N GLY A 347 -0.92 -16.91 16.21
CA GLY A 347 0.34 -16.96 15.47
C GLY A 347 0.20 -17.00 13.94
N ILE A 348 -0.84 -16.38 13.42
CA ILE A 348 -1.04 -16.36 11.98
C ILE A 348 -0.12 -15.35 11.33
N THR A 349 0.54 -15.73 10.24
CA THR A 349 1.45 -14.84 9.52
C THR A 349 1.15 -14.89 8.01
N ALA A 350 1.91 -14.10 7.25
CA ALA A 350 1.74 -14.00 5.81
C ALA A 350 1.83 -15.36 5.14
N THR A 351 2.59 -16.28 5.73
CA THR A 351 2.72 -17.60 5.15
C THR A 351 1.89 -18.72 5.79
N SER A 352 0.87 -18.37 6.56
CA SER A 352 0.01 -19.38 7.18
C SER A 352 -0.71 -20.19 6.10
N ALA A 353 -0.96 -21.47 6.40
CA ALA A 353 -1.66 -22.36 5.48
C ALA A 353 -3.18 -22.10 5.43
N LEU A 354 -3.73 -22.13 4.23
CA LEU A 354 -5.14 -21.90 4.00
C LEU A 354 -5.84 -23.12 3.41
N LYS A 355 -6.91 -23.54 4.05
CA LYS A 355 -7.72 -24.66 3.57
C LYS A 355 -9.16 -24.17 3.50
N ILE A 356 -9.68 -23.98 2.28
CA ILE A 356 -11.04 -23.50 2.09
C ILE A 356 -12.06 -24.65 2.24
N LEU A 357 -13.04 -24.44 3.11
CA LEU A 357 -14.06 -25.44 3.41
C LEU A 357 -15.36 -25.34 2.63
N MET A 358 -15.69 -24.14 2.19
CA MET A 358 -16.92 -23.88 1.43
C MET A 358 -16.70 -22.59 0.62
N HIS A 359 -17.17 -22.61 -0.62
CA HIS A 359 -17.04 -21.45 -1.51
C HIS A 359 -18.23 -21.33 -2.44
N GLU A 360 -19.41 -21.15 -1.84
CA GLU A 360 -20.65 -21.01 -2.58
C GLU A 360 -20.97 -19.51 -2.67
N GLY A 361 -21.93 -19.16 -3.52
CA GLY A 361 -22.30 -17.77 -3.70
C GLY A 361 -22.49 -16.96 -2.44
N ASP A 362 -23.28 -17.46 -1.50
CA ASP A 362 -23.52 -16.70 -0.28
C ASP A 362 -22.85 -17.25 0.98
N ALA A 363 -21.76 -18.00 0.77
CA ALA A 363 -21.05 -18.59 1.90
C ALA A 363 -19.62 -19.03 1.62
N TYR A 364 -18.65 -18.31 2.20
CA TYR A 364 -17.24 -18.67 2.08
C TYR A 364 -16.82 -19.00 3.51
N VAL A 365 -16.27 -20.20 3.70
CA VAL A 365 -15.79 -20.65 5.00
C VAL A 365 -14.38 -21.24 4.82
N ALA A 366 -13.41 -20.76 5.59
CA ALA A 366 -12.05 -21.26 5.48
C ALA A 366 -11.38 -21.51 6.82
N GLU A 367 -10.38 -22.39 6.83
CA GLU A 367 -9.62 -22.74 8.04
C GLU A 367 -8.16 -22.39 7.85
N ILE A 368 -7.61 -21.64 8.81
CA ILE A 368 -6.22 -21.19 8.74
C ILE A 368 -5.31 -21.82 9.80
N ASP A 369 -4.22 -22.45 9.35
CA ASP A 369 -3.27 -23.14 10.23
C ASP A 369 -3.94 -24.15 11.16
N GLY A 370 -5.12 -24.63 10.79
CA GLY A 370 -5.86 -25.57 11.61
C GLY A 370 -6.24 -25.04 12.99
N LYS A 371 -6.18 -23.70 13.14
CA LYS A 371 -6.47 -23.01 14.40
C LYS A 371 -7.62 -22.02 14.38
N VAL A 372 -7.91 -21.45 13.21
CA VAL A 372 -8.97 -20.47 13.11
C VAL A 372 -9.87 -20.75 11.91
N VAL A 373 -11.17 -20.60 12.09
CA VAL A 373 -12.14 -20.80 11.02
C VAL A 373 -12.85 -19.45 10.87
N VAL A 374 -13.04 -19.03 9.62
CA VAL A 374 -13.69 -17.76 9.32
C VAL A 374 -14.72 -17.99 8.24
N LYS A 375 -15.81 -17.23 8.34
CA LYS A 375 -16.93 -17.28 7.41
C LYS A 375 -17.41 -15.87 7.09
N ILE A 376 -17.77 -15.65 5.83
CA ILE A 376 -18.35 -14.37 5.39
C ILE A 376 -19.47 -14.74 4.42
N GLY A 377 -20.49 -13.91 4.31
CA GLY A 377 -21.60 -14.18 3.41
C GLY A 377 -22.96 -13.99 4.05
N SER A 378 -23.98 -13.88 3.21
CA SER A 378 -25.36 -13.68 3.66
C SER A 378 -26.07 -14.92 4.21
N ARG A 379 -25.54 -16.11 3.93
CA ARG A 379 -26.15 -17.34 4.42
C ARG A 379 -25.88 -17.45 5.92
N TYR A 380 -26.94 -17.54 6.72
CA TYR A 380 -26.80 -17.60 8.17
C TYR A 380 -26.16 -18.88 8.72
N ASP A 381 -26.70 -20.02 8.36
CA ASP A 381 -26.21 -21.28 8.89
C ASP A 381 -25.13 -22.02 8.09
N VAL A 382 -23.96 -22.16 8.70
CA VAL A 382 -22.84 -22.90 8.11
C VAL A 382 -22.37 -23.91 9.17
N GLY A 383 -23.25 -24.19 10.14
CA GLY A 383 -22.92 -25.11 11.22
C GLY A 383 -22.35 -26.45 10.82
N ALA A 384 -22.94 -27.04 9.78
CA ALA A 384 -22.51 -28.33 9.29
C ALA A 384 -21.07 -28.39 8.80
N VAL A 385 -20.52 -27.23 8.44
CA VAL A 385 -19.16 -27.22 7.91
C VAL A 385 -18.06 -26.83 8.92
N ILE A 386 -18.48 -26.42 10.12
CA ILE A 386 -17.56 -26.03 11.19
C ILE A 386 -17.01 -27.31 11.85
N PRO A 387 -15.69 -27.52 11.83
CA PRO A 387 -15.12 -28.72 12.45
C PRO A 387 -15.39 -28.85 13.95
N ALA A 388 -15.26 -30.08 14.45
CA ALA A 388 -15.47 -30.37 15.86
C ALA A 388 -14.37 -29.70 16.66
N GLY A 389 -14.73 -29.15 17.82
CA GLY A 389 -13.74 -28.49 18.66
C GLY A 389 -13.74 -26.98 18.56
N PHE A 390 -14.30 -26.43 17.49
CA PHE A 390 -14.35 -24.98 17.28
C PHE A 390 -15.57 -24.34 17.91
N VAL A 391 -15.38 -23.14 18.43
CA VAL A 391 -16.43 -22.37 19.08
C VAL A 391 -16.26 -20.92 18.67
N THR A 392 -17.38 -20.25 18.39
CA THR A 392 -17.37 -18.84 17.97
C THR A 392 -16.60 -17.93 18.95
N SER A 393 -15.89 -16.93 18.40
CA SER A 393 -15.13 -15.99 19.21
C SER A 393 -15.43 -14.53 18.84
N ALA A 394 -15.50 -14.22 17.56
CA ALA A 394 -15.82 -12.87 17.11
C ALA A 394 -16.86 -13.00 16.01
N HIS A 395 -17.77 -12.04 15.92
CA HIS A 395 -18.80 -12.08 14.90
C HIS A 395 -19.46 -10.73 14.68
N GLY A 396 -20.15 -10.60 13.55
CA GLY A 396 -20.84 -9.37 13.21
C GLY A 396 -21.69 -9.59 11.97
N ASN A 397 -22.00 -8.51 11.25
CA ASN A 397 -22.82 -8.61 10.05
C ASN A 397 -22.22 -9.43 8.92
N ASP A 398 -22.76 -10.62 8.76
CA ASP A 398 -22.35 -11.56 7.73
C ASP A 398 -20.92 -12.09 7.84
N TYR A 399 -20.42 -12.18 9.07
CA TYR A 399 -19.08 -12.72 9.34
C TYR A 399 -19.00 -13.29 10.75
N ALA A 400 -18.14 -14.28 10.93
CA ALA A 400 -17.95 -14.89 12.25
C ALA A 400 -16.64 -15.64 12.22
N VAL A 401 -16.02 -15.77 13.38
CA VAL A 401 -14.75 -16.46 13.52
C VAL A 401 -14.83 -17.47 14.67
N TRP A 402 -14.20 -18.63 14.50
CA TRP A 402 -14.17 -19.70 15.51
C TRP A 402 -12.72 -20.00 15.83
N GLU A 403 -12.46 -20.40 17.07
CA GLU A 403 -11.11 -20.74 17.52
C GLU A 403 -11.18 -22.08 18.25
N LYS A 404 -10.07 -22.81 18.30
CA LYS A 404 -10.03 -24.12 18.95
C LYS A 404 -9.98 -24.01 20.47
C1 GLC B . -0.10 6.97 -6.75
C2 GLC B . -0.95 7.57 -5.64
C3 GLC B . -2.03 8.45 -6.28
C4 GLC B . -1.39 9.51 -7.19
C5 GLC B . -0.41 8.84 -8.20
C6 GLC B . 0.39 9.86 -9.01
O1 GLC B . 0.87 6.16 -6.20
O2 GLC B . -1.56 6.52 -4.87
O3 GLC B . -2.78 9.08 -5.26
O4 GLC B . -2.42 10.21 -7.93
O5 GLC B . 0.54 8.03 -7.48
O6 GLC B . 1.32 9.22 -9.89
C1 GLC B . -3.02 11.28 -7.26
C2 GLC B . -4.44 11.49 -7.78
C3 GLC B . -4.45 12.12 -9.19
C4 GLC B . -3.56 13.38 -9.22
C5 GLC B . -2.17 13.00 -8.71
C6 GLC B . -1.17 14.16 -8.67
O2 GLC B . -5.10 10.22 -7.83
O3 GLC B . -5.78 12.49 -9.53
O4 GLC B . -3.49 13.92 -10.58
O5 GLC B . -2.26 12.48 -7.36
O6 GLC B . -1.51 15.12 -7.66
C1 GLC B . -4.47 14.90 -10.86
C2 GLC B . -4.59 15.15 -12.38
C3 GLC B . -3.41 15.96 -12.88
C4 GLC B . -3.30 17.26 -12.09
C5 GLC B . -3.15 16.91 -10.61
C6 GLC B . -3.10 18.15 -9.74
O2 GLC B . -4.63 13.92 -13.08
O3 GLC B . -3.61 16.26 -14.25
O4 GLC B . -2.15 18.01 -12.55
O5 GLC B . -4.27 16.12 -10.16
O6 GLC B . -2.50 17.87 -8.47
C1 GLC B . -2.42 19.29 -13.09
C2 GLC B . -2.03 19.34 -14.59
C3 GLC B . -0.52 19.30 -14.78
C4 GLC B . 0.17 20.35 -13.92
C5 GLC B . -0.31 20.26 -12.47
C6 GLC B . 0.24 21.37 -11.58
O2 GLC B . -2.62 18.26 -15.30
O3 GLC B . -0.20 19.56 -16.14
O4 GLC B . 1.59 20.14 -14.01
O5 GLC B . -1.74 20.33 -12.39
O6 GLC B . -0.54 22.56 -11.69
C2 BGC B . 3.85 20.85 -13.54
C3 BGC B . 4.44 21.82 -12.55
C4 BGC B . 4.10 23.28 -12.90
C5 BGC B . 2.69 23.52 -13.52
C6 BGC B . 2.70 24.68 -14.51
C1 BGC B . 2.38 21.17 -13.54
O2 BGC B . 4.10 19.51 -13.12
O3 BGC B . 5.84 21.66 -12.47
O4 BGC B . 4.17 24.04 -11.70
O5 BGC B . 2.20 22.38 -14.25
O6 BGC B . 2.30 25.90 -13.88
C1 GLC B . 5.05 25.13 -11.71
C2 GLC B . 6.16 24.88 -10.70
C3 GLC B . 5.61 24.85 -9.28
C4 GLC B . 4.72 26.07 -8.99
C5 GLC B . 3.70 26.29 -10.12
C6 GLC B . 2.88 27.56 -9.97
O2 GLC B . 6.81 23.64 -10.97
O3 GLC B . 6.69 24.81 -8.36
O4 GLC B . 4.02 25.86 -7.75
O5 GLC B . 4.37 26.33 -11.39
O6 GLC B . 3.57 28.69 -10.49
C1 GLC B . 4.18 26.87 -6.79
C2 GLC B . 4.78 26.26 -5.52
C3 GLC B . 3.81 25.22 -4.94
C4 GLC B . 2.44 25.87 -4.70
C5 GLC B . 1.94 26.55 -5.97
C6 GLC B . 0.66 27.33 -5.74
O2 GLC B . 6.03 25.65 -5.82
O3 GLC B . 4.32 24.71 -3.72
O4 GLC B . 1.51 24.88 -4.30
O5 GLC B . 2.93 27.48 -6.47
O6 GLC B . 0.70 28.60 -6.38
C1 GLC C . -32.26 -12.27 13.98
C2 GLC C . -31.04 -13.04 14.48
C3 GLC C . -29.79 -12.16 14.45
C4 GLC C . -29.62 -11.56 13.06
C5 GLC C . -30.89 -10.79 12.69
C6 GLC C . -30.82 -10.17 11.31
O1 GLC C . -33.31 -13.15 13.86
O2 GLC C . -31.28 -13.49 15.80
O3 GLC C . -28.65 -12.96 14.76
O4 GLC C . -28.47 -10.69 13.02
O5 GLC C . -32.01 -11.71 12.69
O6 GLC C . -30.89 -11.16 10.30
C1 GLC C . -27.29 -11.38 12.78
C2 GLC C . -26.59 -10.96 11.51
C3 GLC C . -25.70 -12.15 11.17
C4 GLC C . -24.71 -12.48 12.33
C5 GLC C . -25.39 -12.42 13.73
C6 GLC C . -24.44 -12.28 14.89
O2 GLC C . -27.52 -10.70 10.47
O3 GLC C . -25.00 -11.92 9.95
O4 GLC C . -24.25 -13.83 12.14
O5 GLC C . -26.35 -11.36 13.83
O6 GLC C . -23.29 -11.53 14.54
C1 GLC C . -22.88 -14.07 12.12
C2 GLC C . -22.58 -15.01 10.95
C3 GLC C . -23.28 -16.36 11.18
C4 GLC C . -22.86 -16.94 12.54
C5 GLC C . -23.12 -15.90 13.64
C6 GLC C . -22.69 -16.32 15.03
O2 GLC C . -23.06 -14.42 9.76
O3 GLC C . -22.97 -17.28 10.14
O4 GLC C . -23.59 -18.16 12.81
O5 GLC C . -22.44 -14.65 13.33
O6 GLC C . -23.23 -15.45 16.01
C1 GLC C . -22.80 -19.28 13.14
C2 GLC C . -23.47 -20.58 12.65
C3 GLC C . -24.76 -20.81 13.42
C4 GLC C . -24.44 -20.91 14.91
C5 GLC C . -23.71 -19.63 15.35
C6 GLC C . -23.22 -19.71 16.79
O2 GLC C . -23.74 -20.48 11.25
O3 GLC C . -25.37 -22.00 12.97
O4 GLC C . -25.65 -21.09 15.68
O5 GLC C . -22.55 -19.39 14.53
O6 GLC C . -22.14 -20.62 16.90
C1 GLC C . -26.12 -22.42 15.78
C2 GLC C . -27.44 -22.48 16.55
C3 GLC C . -27.21 -22.10 18.01
C4 GLC C . -26.16 -23.02 18.62
C5 GLC C . -24.88 -23.05 17.77
C6 GLC C . -24.00 -24.20 18.25
O2 GLC C . -28.40 -21.62 15.96
O3 GLC C . -28.42 -22.20 18.74
O4 GLC C . -25.85 -22.58 19.93
O5 GLC C . -25.18 -23.31 16.38
O6 GLC C . -22.62 -23.90 18.10
C1 GLC D . 1.66 -23.99 -14.39
C2 GLC D . 2.48 -24.06 -13.09
C3 GLC D . 1.95 -23.11 -12.01
C4 GLC D . 1.80 -21.73 -12.61
C5 GLC D . 0.84 -21.84 -13.78
C6 GLC D . 0.48 -20.51 -14.42
O1 GLC D . 2.39 -24.61 -15.40
O2 GLC D . 2.46 -25.39 -12.58
O3 GLC D . 2.86 -23.07 -10.93
O4 GLC D . 1.33 -20.79 -11.61
O5 GLC D . 1.43 -22.65 -14.80
O6 GLC D . -0.36 -20.69 -15.54
C1 GLC D . 2.39 -20.21 -10.90
C2 GLC D . 2.68 -18.78 -11.34
C3 GLC D . 4.07 -18.48 -10.80
C4 GLC D . 4.10 -18.64 -9.27
C5 GLC D . 3.52 -20.00 -8.85
C6 GLC D . 3.30 -20.15 -7.35
O2 GLC D . 2.66 -18.69 -12.75
O3 GLC D . 4.50 -17.18 -11.18
O4 GLC D . 5.45 -18.53 -8.81
O5 GLC D . 2.26 -20.25 -9.50
O6 GLC D . 3.05 -21.50 -6.99
C1 GLC D . 5.78 -17.32 -8.20
C2 GLC D . 7.14 -16.83 -8.71
C3 GLC D . 8.26 -17.75 -8.25
C4 GLC D . 8.20 -17.90 -6.74
C5 GLC D . 6.81 -18.35 -6.31
C6 GLC D . 6.65 -18.44 -4.81
O2 GLC D . 7.15 -16.77 -10.12
O3 GLC D . 9.52 -17.24 -8.65
O4 GLC D . 9.15 -18.89 -6.33
O5 GLC D . 5.81 -17.44 -6.79
O6 GLC D . 5.32 -18.83 -4.48
C1 GLC D . 9.93 -18.62 -5.21
C2 GLC D . 11.40 -18.68 -5.62
C3 GLC D . 11.73 -20.07 -6.15
C4 GLC D . 11.29 -21.18 -5.20
C5 GLC D . 9.85 -20.94 -4.72
C6 GLC D . 9.37 -21.90 -3.64
O2 GLC D . 11.64 -17.72 -6.64
O3 GLC D . 13.12 -20.18 -6.39
O4 GLC D . 11.33 -22.44 -5.91
O5 GLC D . 9.73 -19.60 -4.21
O6 GLC D . 10.06 -21.70 -2.41
C1 GLC D . 12.44 -23.26 -5.66
C2 GLC D . 12.95 -23.90 -6.98
C3 GLC D . 11.97 -24.95 -7.50
C4 GLC D . 11.62 -25.96 -6.39
C5 GLC D . 11.12 -25.18 -5.16
C6 GLC D . 10.76 -26.06 -3.98
O2 GLC D . 13.12 -22.89 -7.97
O3 GLC D . 12.55 -25.64 -8.60
O4 GLC D . 10.62 -26.85 -6.87
O5 GLC D . 12.14 -24.27 -4.71
O6 GLC D . 9.36 -26.01 -3.72
CA CA E . 8.29 6.99 -16.04
CA CA F . 20.06 23.27 -4.02
CA CA G . 5.64 12.92 -17.71
#